data_7K2A
#
_entry.id   7K2A
#
_cell.length_a   162.078
_cell.length_b   68.972
_cell.length_c   78.259
_cell.angle_alpha   90.00
_cell.angle_beta   117.81
_cell.angle_gamma   90.00
#
_symmetry.space_group_name_H-M   'C 1 2 1'
#
loop_
_entity.id
_entity.type
_entity.pdbx_description
1 polymer 'Kelch-like ECH-associated protein 1'
2 polymer ACE-LEU-ASP-GLU-GLU-THR-GLY-GLU-PHE-ALA-NH2
3 water water
#
loop_
_entity_poly.entity_id
_entity_poly.type
_entity_poly.pdbx_seq_one_letter_code
_entity_poly.pdbx_strand_id
1 'polypeptide(L)'
;VGRLIYTAGGYFRQSLSYLEAYNPSDGTWLRLADLQVPRSGLAGCVVGGLLYAVGGRNNSPDGNTDSSALDCYNPMTNQW
SPCAPMSVPRNRIGVGVIDGHIYAVGGSHGCIHHNSVERYEPERDEWHLVAPMLTRRIGVGVAVLNRLLYAVGGFDGTNR
LNSAECYYPERNEWRMITAMNTIRSGAGVCVLHNCIYAAGGYDGQDQLNSVERYDVATATWTFVAPMKHRRSALGITVHQ
GRIYVLGGYDGHTFLDSVECYDPDTDTWSEVTRMTSGRSGVGVAVTMEPSRKQIDQQNCTC
;
A,B
2 'polypeptide(L)' (ACE)LDEETGEFA(NH2) P
#
loop_
_chem_comp.id
_chem_comp.type
_chem_comp.name
_chem_comp.formula
ACE non-polymer 'ACETYL GROUP' 'C2 H4 O'
NH2 non-polymer 'AMINO GROUP' 'H2 N'
#
# COMPACT_ATOMS: atom_id res chain seq x y z
N LEU A 4 1.16 -13.28 -13.88
CA LEU A 4 2.04 -14.42 -13.73
C LEU A 4 3.37 -14.04 -13.08
N ILE A 5 4.06 -15.03 -12.53
CA ILE A 5 5.38 -14.86 -11.96
C ILE A 5 6.40 -15.16 -13.05
N TYR A 6 7.12 -14.12 -13.51
CA TYR A 6 8.16 -14.27 -14.52
C TYR A 6 9.52 -14.45 -13.84
N THR A 7 10.28 -15.45 -14.27
CA THR A 7 11.66 -15.61 -13.85
C THR A 7 12.56 -15.55 -15.09
N ALA A 8 13.59 -14.71 -15.03
CA ALA A 8 14.51 -14.47 -16.13
C ALA A 8 15.93 -14.78 -15.69
N GLY A 9 16.66 -15.52 -16.53
CA GLY A 9 18.06 -15.77 -16.29
C GLY A 9 18.26 -16.85 -15.24
N GLY A 10 19.40 -16.77 -14.57
CA GLY A 10 19.80 -17.79 -13.62
C GLY A 10 21.05 -18.51 -14.10
N TYR A 11 21.44 -19.50 -13.30
CA TYR A 11 22.66 -20.24 -13.55
C TYR A 11 22.43 -21.71 -13.24
N PHE A 12 22.84 -22.55 -14.18
CA PHE A 12 23.08 -23.98 -13.97
C PHE A 12 24.18 -24.34 -14.97
N ARG A 13 25.38 -24.62 -14.46
CA ARG A 13 26.57 -24.86 -15.28
C ARG A 13 27.03 -23.64 -16.08
N GLN A 14 26.11 -22.81 -16.55
CA GLN A 14 26.45 -21.51 -17.13
C GLN A 14 25.27 -20.57 -16.92
N SER A 15 25.52 -19.28 -17.19
CA SER A 15 24.44 -18.31 -17.13
C SER A 15 23.41 -18.61 -18.22
N LEU A 16 22.14 -18.35 -17.92
CA LEU A 16 21.03 -18.83 -18.72
C LEU A 16 20.25 -17.68 -19.35
N SER A 17 19.53 -18.01 -20.42
CA SER A 17 18.70 -17.05 -21.14
C SER A 17 17.22 -17.21 -20.85
N TYR A 18 16.84 -18.21 -20.06
CA TYR A 18 15.45 -18.59 -19.88
C TYR A 18 14.59 -17.39 -19.46
N LEU A 19 13.41 -17.28 -20.07
CA LEU A 19 12.29 -16.52 -19.52
C LEU A 19 11.10 -17.46 -19.45
N GLU A 20 10.65 -17.75 -18.23
CA GLU A 20 9.54 -18.65 -17.97
C GLU A 20 8.58 -17.98 -16.99
N ALA A 21 7.27 -18.19 -17.19
CA ALA A 21 6.23 -17.55 -16.41
C ALA A 21 5.32 -18.61 -15.79
N TYR A 22 5.13 -18.51 -14.48
CA TYR A 22 4.33 -19.47 -13.72
C TYR A 22 2.97 -18.89 -13.42
N ASN A 23 1.95 -19.74 -13.50
CA ASN A 23 0.58 -19.37 -13.17
C ASN A 23 0.18 -20.07 -11.88
N PRO A 24 0.14 -19.36 -10.75
CA PRO A 24 -0.30 -20.01 -9.50
C PRO A 24 -1.76 -20.48 -9.56
N SER A 25 -2.58 -19.93 -10.45
CA SER A 25 -3.94 -20.41 -10.66
C SER A 25 -3.96 -21.87 -11.10
N ASP A 26 -3.51 -22.14 -12.32
CA ASP A 26 -3.61 -23.48 -12.91
C ASP A 26 -2.32 -24.31 -12.78
N GLY A 27 -1.27 -23.76 -12.17
CA GLY A 27 -0.02 -24.49 -12.03
C GLY A 27 0.79 -24.65 -13.30
N THR A 28 0.51 -23.85 -14.33
CA THR A 28 1.17 -24.01 -15.62
C THR A 28 2.45 -23.20 -15.69
N TRP A 29 3.44 -23.76 -16.41
CA TRP A 29 4.69 -23.08 -16.70
C TRP A 29 4.71 -22.71 -18.19
N LEU A 30 4.74 -21.42 -18.47
CA LEU A 30 4.82 -20.88 -19.82
C LEU A 30 6.29 -20.62 -20.17
N ARG A 31 6.72 -21.03 -21.36
CA ARG A 31 8.04 -20.66 -21.85
C ARG A 31 7.89 -19.51 -22.85
N LEU A 32 8.71 -18.48 -22.68
CA LEU A 32 8.62 -17.26 -23.47
C LEU A 32 9.97 -16.94 -24.11
N ALA A 33 10.09 -15.70 -24.58
CA ALA A 33 11.23 -15.30 -25.39
C ALA A 33 12.53 -15.32 -24.58
N ASP A 34 13.56 -15.92 -25.15
CA ASP A 34 14.88 -15.95 -24.53
C ASP A 34 15.44 -14.54 -24.36
N LEU A 35 16.09 -14.30 -23.22
CA LEU A 35 17.00 -13.19 -23.11
C LEU A 35 17.97 -13.21 -24.28
N GLN A 36 18.34 -12.02 -24.77
CA GLN A 36 19.27 -11.98 -25.89
C GLN A 36 20.70 -12.28 -25.45
N VAL A 37 21.04 -11.95 -24.20
CA VAL A 37 22.34 -12.27 -23.58
C VAL A 37 22.07 -13.02 -22.29
N PRO A 38 22.67 -14.19 -22.08
CA PRO A 38 22.45 -14.91 -20.81
C PRO A 38 22.94 -14.06 -19.64
N ARG A 39 22.33 -14.28 -18.48
CA ARG A 39 22.74 -13.55 -17.29
C ARG A 39 22.25 -14.26 -16.04
N SER A 40 23.09 -14.22 -15.00
CA SER A 40 22.76 -14.70 -13.67
C SER A 40 23.17 -13.63 -12.69
N GLY A 41 22.64 -13.71 -11.48
CA GLY A 41 22.89 -12.64 -10.53
C GLY A 41 22.27 -11.31 -10.92
N LEU A 42 21.26 -11.34 -11.77
CA LEU A 42 20.54 -10.14 -12.14
C LEU A 42 19.39 -9.92 -11.17
N ALA A 43 18.67 -8.83 -11.35
CA ALA A 43 17.41 -8.63 -10.65
C ALA A 43 16.33 -8.34 -11.68
N GLY A 44 15.07 -8.56 -11.30
CA GLY A 44 13.93 -8.27 -12.15
C GLY A 44 12.97 -7.33 -11.47
N CYS A 45 12.30 -6.50 -12.28
CA CYS A 45 11.21 -5.69 -11.76
C CYS A 45 10.20 -5.45 -12.88
N VAL A 46 9.14 -4.72 -12.54
CA VAL A 46 8.08 -4.37 -13.48
C VAL A 46 7.77 -2.90 -13.30
N VAL A 47 7.81 -2.16 -14.39
CA VAL A 47 7.43 -0.74 -14.41
C VAL A 47 6.55 -0.50 -15.62
N GLY A 48 5.42 0.15 -15.42
CA GLY A 48 4.50 0.42 -16.52
C GLY A 48 4.08 -0.82 -17.28
N GLY A 49 3.93 -1.94 -16.58
CA GLY A 49 3.57 -3.19 -17.21
C GLY A 49 4.66 -3.86 -18.00
N LEU A 50 5.85 -3.29 -18.07
CA LEU A 50 6.97 -3.88 -18.79
C LEU A 50 8.00 -4.44 -17.81
N LEU A 51 8.48 -5.65 -18.11
CA LEU A 51 9.37 -6.40 -17.23
C LEU A 51 10.83 -6.11 -17.58
N TYR A 52 11.64 -5.76 -16.57
CA TYR A 52 13.03 -5.37 -16.76
C TYR A 52 13.98 -6.37 -16.14
N ALA A 53 15.08 -6.65 -16.84
CA ALA A 53 16.20 -7.42 -16.34
C ALA A 53 17.40 -6.49 -16.20
N VAL A 54 17.98 -6.44 -14.98
CA VAL A 54 18.98 -5.44 -14.61
C VAL A 54 20.25 -6.14 -14.13
N GLY A 55 21.39 -5.72 -14.66
CA GLY A 55 22.70 -6.21 -14.22
C GLY A 55 22.90 -7.70 -14.39
N GLY A 56 23.66 -8.27 -13.46
CA GLY A 56 24.06 -9.67 -13.52
C GLY A 56 25.42 -9.85 -14.17
N ARG A 57 25.62 -11.05 -14.72
CA ARG A 57 26.83 -11.35 -15.47
C ARG A 57 26.56 -12.57 -16.34
N ASN A 58 27.41 -12.73 -17.36
CA ASN A 58 27.35 -13.89 -18.25
C ASN A 58 28.56 -14.77 -17.96
N ASN A 59 28.34 -15.79 -17.16
CA ASN A 59 29.37 -16.72 -16.68
C ASN A 59 29.28 -17.95 -17.58
N SER A 60 30.23 -18.07 -18.52
CA SER A 60 30.10 -19.06 -19.58
C SER A 60 31.43 -19.79 -19.76
N PRO A 61 31.49 -20.86 -20.58
CA PRO A 61 32.79 -21.50 -20.79
C PRO A 61 33.82 -20.63 -21.51
N ASP A 62 33.41 -19.48 -22.06
CA ASP A 62 34.33 -18.59 -22.76
C ASP A 62 34.47 -17.22 -22.13
N GLY A 63 33.94 -17.00 -20.94
CA GLY A 63 34.11 -15.69 -20.31
C GLY A 63 33.29 -15.61 -19.03
N ASN A 64 33.38 -14.44 -18.38
CA ASN A 64 32.70 -14.22 -17.11
C ASN A 64 32.47 -12.72 -16.98
N THR A 65 31.61 -12.17 -17.85
CA THR A 65 31.50 -10.73 -18.03
C THR A 65 30.39 -10.16 -17.17
N ASP A 66 30.74 -9.25 -16.26
CA ASP A 66 29.74 -8.54 -15.46
C ASP A 66 28.93 -7.63 -16.36
N SER A 67 27.63 -7.52 -16.07
CA SER A 67 26.70 -6.85 -16.97
C SER A 67 26.28 -5.49 -16.41
N SER A 68 26.37 -4.45 -17.25
CA SER A 68 25.73 -3.18 -16.93
C SER A 68 24.41 -3.02 -17.67
N ALA A 69 23.85 -4.10 -18.21
CA ALA A 69 22.76 -4.02 -19.18
C ALA A 69 21.41 -3.87 -18.49
N LEU A 70 20.53 -3.11 -19.14
CA LEU A 70 19.12 -3.04 -18.79
C LEU A 70 18.29 -3.46 -20.00
N ASP A 71 17.41 -4.44 -19.81
CA ASP A 71 16.65 -5.03 -20.91
C ASP A 71 15.19 -5.19 -20.51
N CYS A 72 14.30 -4.94 -21.46
CA CYS A 72 12.87 -4.80 -21.21
C CYS A 72 12.08 -5.78 -22.07
N TYR A 73 11.24 -6.58 -21.42
CA TYR A 73 10.37 -7.54 -22.07
C TYR A 73 8.93 -7.04 -22.01
N ASN A 74 8.27 -7.01 -23.17
CA ASN A 74 6.86 -6.61 -23.25
C ASN A 74 6.00 -7.85 -23.33
N PRO A 75 5.11 -8.11 -22.36
CA PRO A 75 4.30 -9.33 -22.42
C PRO A 75 3.31 -9.33 -23.56
N MET A 76 3.04 -8.17 -24.17
CA MET A 76 2.12 -8.12 -25.29
C MET A 76 2.84 -8.45 -26.61
N THR A 77 4.12 -8.06 -26.75
CA THR A 77 4.89 -8.38 -27.94
C THR A 77 5.69 -9.66 -27.82
N ASN A 78 5.90 -10.21 -26.61
CA ASN A 78 6.83 -11.33 -26.38
C ASN A 78 8.22 -11.01 -26.94
N GLN A 79 8.65 -9.77 -26.82
CA GLN A 79 9.95 -9.36 -27.35
C GLN A 79 10.75 -8.55 -26.33
N TRP A 80 12.05 -8.84 -26.27
CA TRP A 80 13.01 -8.07 -25.48
C TRP A 80 13.53 -6.91 -26.29
N SER A 81 13.74 -5.79 -25.62
CA SER A 81 14.35 -4.63 -26.25
C SER A 81 15.39 -4.04 -25.31
N PRO A 82 16.54 -3.62 -25.84
CA PRO A 82 17.55 -3.01 -24.98
C PRO A 82 17.19 -1.59 -24.57
N CYS A 83 17.56 -1.25 -23.34
CA CYS A 83 17.48 0.11 -22.82
C CYS A 83 18.89 0.62 -22.57
N ALA A 84 19.00 1.85 -22.09
CA ALA A 84 20.32 2.42 -21.83
C ALA A 84 20.98 1.66 -20.68
N PRO A 85 22.31 1.50 -20.69
CA PRO A 85 22.96 0.71 -19.65
C PRO A 85 23.29 1.55 -18.43
N MET A 86 23.50 0.85 -17.32
CA MET A 86 23.92 1.49 -16.09
C MET A 86 25.33 2.04 -16.25
N SER A 87 25.74 2.86 -15.27
CA SER A 87 27.06 3.48 -15.31
C SER A 87 28.19 2.49 -15.08
N VAL A 88 27.93 1.40 -14.36
CA VAL A 88 28.92 0.36 -14.11
C VAL A 88 28.25 -1.00 -14.14
N PRO A 89 29.02 -2.06 -14.42
CA PRO A 89 28.45 -3.41 -14.30
C PRO A 89 28.14 -3.74 -12.84
N ARG A 90 27.05 -4.48 -12.63
CA ARG A 90 26.60 -4.85 -11.27
C ARG A 90 26.14 -6.31 -11.28
N ASN A 91 27.06 -7.22 -10.95
CA ASN A 91 26.68 -8.59 -10.67
C ASN A 91 26.16 -8.71 -9.23
N ARG A 92 25.12 -9.53 -9.03
CA ARG A 92 24.48 -9.71 -7.72
C ARG A 92 23.92 -8.38 -7.20
N ILE A 93 23.24 -7.72 -8.11
CA ILE A 93 22.57 -6.45 -7.92
C ILE A 93 21.28 -6.65 -7.12
N GLY A 94 20.82 -5.56 -6.50
CA GLY A 94 19.46 -5.47 -6.00
C GLY A 94 18.75 -4.29 -6.62
N VAL A 95 17.44 -4.42 -6.82
CA VAL A 95 16.66 -3.34 -7.43
C VAL A 95 15.34 -3.15 -6.71
N GLY A 96 14.88 -1.90 -6.68
CA GLY A 96 13.55 -1.60 -6.20
C GLY A 96 12.93 -0.49 -7.03
N VAL A 97 11.60 -0.46 -7.06
CA VAL A 97 10.85 0.49 -7.89
C VAL A 97 10.16 1.50 -6.97
N ILE A 98 10.50 2.77 -7.14
CA ILE A 98 9.86 3.89 -6.46
C ILE A 98 9.40 4.89 -7.51
N ASP A 99 8.11 5.23 -7.50
CA ASP A 99 7.58 6.33 -8.33
C ASP A 99 7.87 6.07 -9.81
N GLY A 100 7.65 4.83 -10.25
CA GLY A 100 7.96 4.44 -11.61
C GLY A 100 9.42 4.51 -12.03
N HIS A 101 10.35 4.74 -11.09
CA HIS A 101 11.79 4.74 -11.37
C HIS A 101 12.42 3.46 -10.86
N ILE A 102 13.46 3.00 -11.56
CA ILE A 102 14.18 1.79 -11.19
C ILE A 102 15.44 2.20 -10.45
N TYR A 103 15.61 1.67 -9.23
CA TYR A 103 16.81 1.88 -8.43
C TYR A 103 17.68 0.64 -8.52
N ALA A 104 18.93 0.81 -8.95
CA ALA A 104 19.90 -0.28 -9.01
C ALA A 104 20.88 -0.10 -7.85
N VAL A 105 21.06 -1.15 -7.05
CA VAL A 105 21.75 -1.04 -5.78
C VAL A 105 22.90 -2.03 -5.71
N GLY A 106 24.11 -1.51 -5.45
CA GLY A 106 25.23 -2.36 -5.07
C GLY A 106 25.68 -3.26 -6.20
N GLY A 107 26.02 -4.50 -5.87
CA GLY A 107 26.49 -5.44 -6.86
C GLY A 107 27.99 -5.34 -6.99
N SER A 108 28.58 -6.22 -7.80
CA SER A 108 30.04 -6.23 -7.96
C SER A 108 30.40 -6.08 -9.43
N HIS A 109 31.63 -5.60 -9.64
CA HIS A 109 32.31 -5.60 -10.93
C HIS A 109 33.72 -6.11 -10.68
N GLY A 110 33.98 -7.36 -11.02
CA GLY A 110 35.28 -7.93 -10.69
C GLY A 110 35.45 -7.93 -9.19
N CYS A 111 36.57 -7.37 -8.72
CA CYS A 111 36.85 -7.25 -7.30
C CYS A 111 36.09 -6.12 -6.64
N ILE A 112 35.55 -5.20 -7.41
CA ILE A 112 34.93 -4.00 -6.85
C ILE A 112 33.55 -4.36 -6.32
N HIS A 113 33.32 -4.08 -5.04
CA HIS A 113 32.00 -4.25 -4.45
C HIS A 113 31.38 -2.87 -4.27
N HIS A 114 30.31 -2.60 -5.00
CA HIS A 114 29.76 -1.25 -5.07
C HIS A 114 28.99 -0.88 -3.81
N ASN A 115 29.14 0.36 -3.37
CA ASN A 115 28.11 0.99 -2.55
C ASN A 115 27.27 1.97 -3.35
N SER A 116 27.60 2.19 -4.63
CA SER A 116 26.89 3.16 -5.45
C SER A 116 25.47 2.69 -5.76
N VAL A 117 24.61 3.66 -6.03
CA VAL A 117 23.23 3.46 -6.42
C VAL A 117 22.92 4.37 -7.61
N GLU A 118 22.06 3.91 -8.52
CA GLU A 118 21.62 4.76 -9.62
C GLU A 118 20.16 4.48 -9.95
N ARG A 119 19.55 5.47 -10.62
CA ARG A 119 18.11 5.54 -10.83
C ARG A 119 17.82 5.67 -12.32
N TYR A 120 16.90 4.85 -12.82
CA TYR A 120 16.53 4.82 -14.23
C TYR A 120 15.14 5.40 -14.45
N GLU A 121 15.04 6.30 -15.43
CA GLU A 121 13.80 6.98 -15.83
C GLU A 121 13.31 6.35 -17.12
N PRO A 122 12.33 5.44 -17.09
CA PRO A 122 11.94 4.76 -18.33
C PRO A 122 11.49 5.72 -19.43
N GLU A 123 10.78 6.79 -19.08
CA GLU A 123 10.28 7.70 -20.10
C GLU A 123 11.39 8.56 -20.71
N ARG A 124 12.58 8.55 -20.11
CA ARG A 124 13.73 9.17 -20.73
C ARG A 124 14.81 8.17 -21.11
N ASP A 125 14.65 6.90 -20.73
CA ASP A 125 15.66 5.86 -20.98
C ASP A 125 17.07 6.35 -20.62
N GLU A 126 17.19 6.88 -19.40
CA GLU A 126 18.48 7.31 -18.87
C GLU A 126 18.65 6.86 -17.42
N TRP A 127 19.91 6.61 -17.06
CA TRP A 127 20.32 6.39 -15.68
C TRP A 127 20.98 7.65 -15.14
N HIS A 128 20.83 7.86 -13.83
CA HIS A 128 21.55 8.92 -13.15
C HIS A 128 21.92 8.45 -11.75
N LEU A 129 23.14 8.78 -11.33
CA LEU A 129 23.61 8.35 -10.02
C LEU A 129 22.91 9.12 -8.90
N VAL A 130 22.53 8.40 -7.85
CA VAL A 130 21.98 9.04 -6.65
C VAL A 130 22.97 8.79 -5.52
N ALA A 131 22.54 9.01 -4.28
CA ALA A 131 23.48 8.93 -3.17
C ALA A 131 23.88 7.48 -2.90
N PRO A 132 25.13 7.22 -2.56
CA PRO A 132 25.57 5.85 -2.30
C PRO A 132 25.09 5.35 -0.94
N MET A 133 25.04 4.03 -0.82
CA MET A 133 24.77 3.41 0.48
C MET A 133 25.93 3.67 1.42
N LEU A 134 25.67 3.47 2.72
CA LEU A 134 26.73 3.52 3.74
C LEU A 134 27.62 2.29 3.71
N THR A 135 27.23 1.23 3.01
CA THR A 135 27.91 -0.04 3.04
C THR A 135 28.05 -0.56 1.62
N ARG A 136 29.22 -1.13 1.31
CA ARG A 136 29.37 -1.92 0.09
C ARG A 136 28.60 -3.22 0.25
N ARG A 137 27.75 -3.55 -0.75
CA ARG A 137 26.80 -4.66 -0.62
C ARG A 137 26.62 -5.35 -1.96
N ILE A 138 27.01 -6.61 -2.05
CA ILE A 138 26.60 -7.44 -3.17
C ILE A 138 25.79 -8.59 -2.61
N GLY A 139 24.97 -9.21 -3.48
CA GLY A 139 23.99 -10.15 -2.96
C GLY A 139 23.03 -9.46 -2.00
N VAL A 140 22.73 -8.21 -2.26
CA VAL A 140 21.95 -7.35 -1.39
C VAL A 140 20.48 -7.56 -1.74
N GLY A 141 19.62 -7.60 -0.73
CA GLY A 141 18.18 -7.67 -0.95
C GLY A 141 17.61 -6.26 -0.88
N VAL A 142 16.69 -5.94 -1.79
CA VAL A 142 16.14 -4.60 -1.88
C VAL A 142 14.62 -4.67 -1.89
N ALA A 143 13.98 -3.78 -1.14
CA ALA A 143 12.52 -3.69 -1.10
C ALA A 143 12.11 -2.24 -0.89
N VAL A 144 10.89 -1.93 -1.31
CA VAL A 144 10.32 -0.59 -1.22
C VAL A 144 9.11 -0.66 -0.29
N LEU A 145 9.06 0.27 0.67
CA LEU A 145 7.97 0.32 1.63
C LEU A 145 7.70 1.78 1.96
N ASN A 146 6.43 2.19 1.85
CA ASN A 146 6.04 3.59 2.09
C ASN A 146 6.93 4.55 1.31
N ARG A 147 7.20 4.19 0.05
CA ARG A 147 8.02 5.00 -0.85
C ARG A 147 9.43 5.23 -0.30
N LEU A 148 9.96 4.24 0.41
CA LEU A 148 11.33 4.27 0.90
C LEU A 148 12.04 2.99 0.43
N LEU A 149 13.34 3.10 0.19
CA LEU A 149 14.09 2.00 -0.40
C LEU A 149 15.00 1.40 0.67
N TYR A 150 14.87 0.09 0.92
CA TYR A 150 15.66 -0.62 1.90
C TYR A 150 16.70 -1.51 1.21
N ALA A 151 17.93 -1.44 1.67
CA ALA A 151 19.00 -2.34 1.26
C ALA A 151 19.33 -3.21 2.46
N VAL A 152 19.24 -4.53 2.29
CA VAL A 152 19.18 -5.48 3.41
C VAL A 152 20.24 -6.57 3.20
N GLY A 153 21.12 -6.75 4.18
CA GLY A 153 22.10 -7.83 4.13
C GLY A 153 23.11 -7.67 3.00
N GLY A 154 23.64 -8.80 2.55
CA GLY A 154 24.63 -8.82 1.47
C GLY A 154 26.03 -9.12 1.98
N PHE A 155 27.01 -8.74 1.17
CA PHE A 155 28.41 -9.12 1.36
C PHE A 155 29.28 -7.93 0.94
N ASP A 156 30.18 -7.48 1.83
CA ASP A 156 30.94 -6.28 1.51
C ASP A 156 32.27 -6.58 0.84
N GLY A 157 32.53 -7.84 0.51
CA GLY A 157 33.82 -8.27 0.01
C GLY A 157 34.61 -9.07 1.03
N THR A 158 34.31 -8.88 2.32
CA THR A 158 35.02 -9.58 3.37
C THR A 158 34.01 -10.19 4.34
N ASN A 159 32.99 -9.40 4.71
CA ASN A 159 32.01 -9.80 5.71
C ASN A 159 30.63 -9.91 5.09
N ARG A 160 29.90 -10.94 5.47
CA ARG A 160 28.47 -10.96 5.21
C ARG A 160 27.76 -10.20 6.30
N LEU A 161 26.58 -9.68 5.96
CA LEU A 161 25.99 -8.55 6.65
C LEU A 161 24.62 -8.94 7.20
N ASN A 162 24.33 -8.50 8.43
CA ASN A 162 22.95 -8.47 8.89
C ASN A 162 22.41 -7.04 8.93
N SER A 163 23.22 -6.05 8.60
CA SER A 163 22.79 -4.67 8.65
C SER A 163 21.79 -4.39 7.53
N ALA A 164 20.94 -3.39 7.76
CA ALA A 164 20.04 -2.88 6.74
C ALA A 164 20.09 -1.36 6.82
N GLU A 165 19.86 -0.71 5.68
CA GLU A 165 19.80 0.75 5.61
C GLU A 165 18.65 1.20 4.72
N CYS A 166 18.24 2.46 4.90
CA CYS A 166 17.02 2.96 4.27
C CYS A 166 17.34 4.22 3.48
N TYR A 167 16.78 4.32 2.27
CA TYR A 167 17.02 5.46 1.38
C TYR A 167 15.77 6.33 1.31
N TYR A 168 15.96 7.64 1.53
CA TYR A 168 14.86 8.60 1.48
C TYR A 168 14.92 9.40 0.19
N PRO A 169 14.10 9.08 -0.82
CA PRO A 169 14.22 9.79 -2.11
C PRO A 169 14.11 11.30 -2.00
N GLU A 170 13.18 11.80 -1.18
CA GLU A 170 13.01 13.24 -1.07
C GLU A 170 14.26 13.93 -0.52
N ARG A 171 14.97 13.30 0.41
CA ARG A 171 16.19 13.87 0.96
C ARG A 171 17.45 13.31 0.33
N ASN A 172 17.32 12.31 -0.53
CA ASN A 172 18.44 11.62 -1.17
C ASN A 172 19.56 11.31 -0.18
N GLU A 173 19.24 10.48 0.82
CA GLU A 173 20.23 10.09 1.81
C GLU A 173 19.86 8.75 2.45
N TRP A 174 20.89 8.06 2.93
CA TRP A 174 20.74 6.72 3.48
C TRP A 174 20.88 6.77 4.99
N ARG A 175 20.03 6.01 5.68
CA ARG A 175 20.07 5.92 7.13
C ARG A 175 20.06 4.44 7.54
N MET A 176 20.98 4.05 8.42
CA MET A 176 20.96 2.70 8.96
C MET A 176 19.70 2.47 9.78
N ILE A 177 19.22 1.22 9.79
CA ILE A 177 18.11 0.82 10.65
C ILE A 177 18.56 -0.32 11.54
N THR A 178 17.63 -0.87 12.32
CA THR A 178 17.93 -2.06 13.12
C THR A 178 18.43 -3.19 12.24
N ALA A 179 19.51 -3.86 12.67
CA ALA A 179 20.02 -4.99 11.94
C ALA A 179 19.11 -6.19 12.08
N MET A 180 19.16 -7.09 11.10
CA MET A 180 18.43 -8.34 11.20
C MET A 180 19.04 -9.19 12.31
N ASN A 181 18.25 -10.15 12.81
CA ASN A 181 18.79 -11.09 13.79
C ASN A 181 19.83 -12.01 13.17
N THR A 182 19.76 -12.25 11.86
CA THR A 182 20.58 -13.22 11.17
C THR A 182 21.41 -12.54 10.10
N ILE A 183 22.68 -12.94 9.96
CA ILE A 183 23.47 -12.45 8.82
C ILE A 183 23.00 -13.16 7.56
N ARG A 184 22.75 -12.40 6.48
CA ARG A 184 22.22 -13.00 5.26
C ARG A 184 22.82 -12.31 4.04
N SER A 185 23.51 -13.07 3.22
CA SER A 185 23.87 -12.64 1.89
C SER A 185 23.09 -13.50 0.91
N GLY A 186 22.66 -12.90 -0.19
CA GLY A 186 21.93 -13.65 -1.19
C GLY A 186 20.59 -14.17 -0.70
N ALA A 187 19.95 -13.42 0.19
CA ALA A 187 18.58 -13.76 0.62
C ALA A 187 17.58 -13.28 -0.42
N GLY A 188 16.33 -13.67 -0.23
CA GLY A 188 15.21 -13.08 -0.95
C GLY A 188 14.57 -12.05 -0.05
N VAL A 189 14.47 -10.81 -0.56
CA VAL A 189 13.96 -9.68 0.20
C VAL A 189 12.81 -9.06 -0.58
N CYS A 190 11.62 -9.05 0.02
CA CYS A 190 10.47 -8.43 -0.59
C CYS A 190 9.67 -7.71 0.49
N VAL A 191 8.58 -7.08 0.06
CA VAL A 191 7.61 -6.49 0.97
C VAL A 191 6.32 -7.26 0.81
N LEU A 192 5.75 -7.71 1.93
CA LEU A 192 4.46 -8.37 1.91
C LEU A 192 3.56 -7.64 2.89
N HIS A 193 2.44 -7.15 2.40
CA HIS A 193 1.53 -6.33 3.19
C HIS A 193 2.31 -5.09 3.63
N ASN A 194 2.77 -5.02 4.88
CA ASN A 194 3.54 -3.85 5.30
C ASN A 194 4.77 -4.22 6.12
N CYS A 195 5.31 -5.40 5.90
CA CYS A 195 6.59 -5.77 6.47
C CYS A 195 7.59 -6.06 5.35
N ILE A 196 8.85 -5.76 5.60
CA ILE A 196 9.94 -6.22 4.75
C ILE A 196 10.31 -7.62 5.20
N TYR A 197 10.27 -8.56 4.27
CA TYR A 197 10.65 -9.93 4.55
C TYR A 197 12.05 -10.18 4.01
N ALA A 198 12.85 -10.92 4.78
CA ALA A 198 14.13 -11.44 4.32
C ALA A 198 14.10 -12.94 4.53
N ALA A 199 14.15 -13.70 3.43
CA ALA A 199 14.04 -15.15 3.48
C ALA A 199 15.34 -15.79 3.04
N GLY A 200 15.80 -16.79 3.79
CA GLY A 200 16.96 -17.58 3.40
C GLY A 200 18.22 -16.73 3.36
N GLY A 201 19.10 -17.08 2.43
CA GLY A 201 20.40 -16.46 2.34
C GLY A 201 21.49 -17.39 2.82
N TYR A 202 22.69 -16.83 2.93
CA TYR A 202 23.90 -17.54 3.32
C TYR A 202 24.61 -16.68 4.36
N ASP A 203 24.99 -17.27 5.49
CA ASP A 203 25.56 -16.50 6.60
C ASP A 203 27.07 -16.63 6.72
N GLY A 204 27.74 -17.15 5.71
CA GLY A 204 29.15 -17.45 5.76
C GLY A 204 29.46 -18.91 6.07
N GLN A 205 28.51 -19.65 6.60
CA GLN A 205 28.76 -21.06 6.88
C GLN A 205 27.70 -21.97 6.28
N ASP A 206 26.43 -21.58 6.30
CA ASP A 206 25.33 -22.43 5.85
C ASP A 206 24.29 -21.60 5.12
N GLN A 207 23.66 -22.22 4.11
CA GLN A 207 22.42 -21.68 3.59
C GLN A 207 21.36 -21.72 4.68
N LEU A 208 20.41 -20.78 4.62
CA LEU A 208 19.41 -20.57 5.66
C LEU A 208 18.02 -20.93 5.15
N ASN A 209 17.18 -21.47 6.04
CA ASN A 209 15.74 -21.54 5.77
C ASN A 209 14.94 -20.55 6.61
N SER A 210 15.56 -19.86 7.57
CA SER A 210 14.83 -18.94 8.42
C SER A 210 14.37 -17.73 7.62
N VAL A 211 13.30 -17.10 8.11
CA VAL A 211 12.67 -15.96 7.47
C VAL A 211 12.34 -14.96 8.56
N GLU A 212 12.73 -13.70 8.38
CA GLU A 212 12.34 -12.69 9.35
C GLU A 212 11.72 -11.51 8.63
N ARG A 213 10.96 -10.72 9.39
CA ARG A 213 10.26 -9.58 8.80
C ARG A 213 10.41 -8.37 9.69
N TYR A 214 10.44 -7.21 9.05
CA TYR A 214 10.70 -5.95 9.70
C TYR A 214 9.39 -5.18 9.84
N ASP A 215 9.10 -4.72 11.04
CA ASP A 215 7.96 -3.86 11.29
C ASP A 215 8.47 -2.44 11.49
N VAL A 216 8.08 -1.53 10.59
CA VAL A 216 8.62 -0.18 10.61
C VAL A 216 8.32 0.53 11.93
N ALA A 217 7.06 0.51 12.35
CA ALA A 217 6.65 1.34 13.49
C ALA A 217 7.44 0.99 14.75
N THR A 218 7.67 -0.29 15.02
CA THR A 218 8.44 -0.74 16.18
C THR A 218 9.93 -0.88 15.89
N ALA A 219 10.34 -0.79 14.63
CA ALA A 219 11.75 -0.99 14.22
C ALA A 219 12.29 -2.34 14.71
N THR A 220 11.47 -3.37 14.59
CA THR A 220 11.79 -4.69 15.10
C THR A 220 11.71 -5.73 14.00
N TRP A 221 12.71 -6.63 13.97
CA TRP A 221 12.73 -7.80 13.10
C TRP A 221 12.22 -9.01 13.88
N THR A 222 11.30 -9.77 13.29
CA THR A 222 10.73 -10.95 13.92
C THR A 222 10.82 -12.14 12.99
N PHE A 223 11.22 -13.29 13.53
CA PHE A 223 11.17 -14.53 12.74
C PHE A 223 9.74 -14.97 12.52
N VAL A 224 9.48 -15.51 11.33
CA VAL A 224 8.23 -16.21 11.01
C VAL A 224 8.57 -17.66 10.72
N ALA A 225 7.63 -18.41 10.16
CA ALA A 225 7.90 -19.82 9.88
C ALA A 225 9.03 -19.94 8.87
N PRO A 226 9.93 -20.90 9.05
CA PRO A 226 11.02 -21.10 8.08
C PRO A 226 10.56 -21.84 6.84
N MET A 227 11.29 -21.63 5.75
CA MET A 227 11.05 -22.39 4.54
C MET A 227 11.40 -23.86 4.76
N LYS A 228 10.88 -24.70 3.88
CA LYS A 228 11.26 -26.10 3.96
C LYS A 228 12.73 -26.29 3.59
N HIS A 229 13.19 -25.63 2.53
CA HIS A 229 14.53 -25.88 1.98
C HIS A 229 15.41 -24.65 2.11
N ARG A 230 16.52 -24.80 2.83
CA ARG A 230 17.56 -23.78 2.88
C ARG A 230 18.02 -23.41 1.47
N ARG A 231 18.26 -22.12 1.25
CA ARG A 231 18.62 -21.66 -0.09
C ARG A 231 19.21 -20.26 -0.02
N SER A 232 20.23 -20.01 -0.83
CA SER A 232 20.69 -18.67 -1.13
C SER A 232 20.59 -18.41 -2.62
N ALA A 233 20.68 -17.12 -3.01
CA ALA A 233 20.59 -16.71 -4.41
C ALA A 233 19.27 -17.15 -5.02
N LEU A 234 18.20 -17.00 -4.26
CA LEU A 234 16.85 -17.30 -4.70
C LEU A 234 16.22 -16.08 -5.34
N GLY A 235 15.22 -16.34 -6.17
CA GLY A 235 14.34 -15.29 -6.62
C GLY A 235 13.16 -15.21 -5.65
N ILE A 236 12.56 -14.02 -5.55
CA ILE A 236 11.46 -13.82 -4.62
C ILE A 236 10.52 -12.79 -5.24
N THR A 237 9.22 -13.01 -5.03
CA THR A 237 8.21 -12.07 -5.47
C THR A 237 6.93 -12.30 -4.67
N VAL A 238 6.05 -11.31 -4.73
CA VAL A 238 4.75 -11.39 -4.08
C VAL A 238 3.68 -11.53 -5.14
N HIS A 239 2.80 -12.52 -4.96
CA HIS A 239 1.70 -12.81 -5.87
C HIS A 239 0.43 -12.99 -5.06
N GLN A 240 -0.52 -12.06 -5.21
CA GLN A 240 -1.84 -12.20 -4.60
C GLN A 240 -1.72 -12.41 -3.08
N GLY A 241 -1.00 -11.51 -2.42
CA GLY A 241 -0.82 -11.59 -0.98
C GLY A 241 -0.11 -12.84 -0.49
N ARG A 242 0.64 -13.50 -1.38
CA ARG A 242 1.48 -14.64 -1.02
C ARG A 242 2.91 -14.32 -1.39
N ILE A 243 3.86 -14.95 -0.70
CA ILE A 243 5.28 -14.84 -1.04
C ILE A 243 5.68 -16.11 -1.77
N TYR A 244 6.37 -15.94 -2.90
CA TYR A 244 6.89 -17.05 -3.69
C TYR A 244 8.41 -16.92 -3.78
N VAL A 245 9.12 -17.99 -3.44
CA VAL A 245 10.56 -18.05 -3.64
C VAL A 245 10.88 -19.15 -4.63
N LEU A 246 11.86 -18.90 -5.50
CA LEU A 246 12.12 -19.72 -6.67
C LEU A 246 13.60 -20.08 -6.74
N GLY A 247 13.90 -21.38 -6.68
CA GLY A 247 15.21 -21.95 -6.90
C GLY A 247 16.24 -21.54 -5.87
N GLY A 248 17.47 -21.45 -6.33
CA GLY A 248 18.60 -21.10 -5.50
C GLY A 248 19.58 -22.25 -5.36
N TYR A 249 20.51 -22.07 -4.43
CA TYR A 249 21.59 -23.01 -4.21
C TYR A 249 21.64 -23.33 -2.72
N ASP A 250 21.82 -24.61 -2.38
CA ASP A 250 21.84 -25.00 -0.97
C ASP A 250 23.20 -25.53 -0.54
N GLY A 251 24.26 -25.19 -1.28
CA GLY A 251 25.59 -25.68 -0.97
C GLY A 251 25.98 -26.94 -1.70
N HIS A 252 25.05 -27.60 -2.37
CA HIS A 252 25.38 -28.80 -3.13
C HIS A 252 24.58 -28.83 -4.43
N THR A 253 23.31 -28.43 -4.36
CA THR A 253 22.35 -28.62 -5.43
C THR A 253 21.75 -27.28 -5.87
N PHE A 254 21.39 -27.19 -7.14
CA PHE A 254 20.62 -26.07 -7.68
C PHE A 254 19.15 -26.44 -7.62
N LEU A 255 18.38 -25.67 -6.85
CA LEU A 255 16.99 -26.01 -6.57
C LEU A 255 16.08 -25.65 -7.73
N ASP A 256 15.14 -26.54 -8.03
CA ASP A 256 13.97 -26.15 -8.80
C ASP A 256 12.77 -25.88 -7.91
N SER A 257 12.84 -26.28 -6.65
CA SER A 257 11.78 -26.08 -5.68
C SER A 257 11.27 -24.63 -5.67
N VAL A 258 9.95 -24.48 -5.68
CA VAL A 258 9.29 -23.20 -5.47
C VAL A 258 8.42 -23.34 -4.23
N GLU A 259 8.73 -22.57 -3.19
CA GLU A 259 7.98 -22.59 -1.94
C GLU A 259 7.09 -21.36 -1.87
N CYS A 260 5.99 -21.47 -1.13
CA CYS A 260 5.01 -20.40 -1.03
C CYS A 260 4.61 -20.21 0.42
N TYR A 261 4.64 -18.96 0.87
CA TYR A 261 4.37 -18.61 2.25
C TYR A 261 2.97 -18.02 2.33
N ASP A 262 2.11 -18.65 3.15
CA ASP A 262 0.80 -18.10 3.45
C ASP A 262 0.92 -17.31 4.74
N PRO A 263 0.80 -15.97 4.70
CA PRO A 263 0.97 -15.20 5.94
C PRO A 263 -0.11 -15.49 6.98
N ASP A 264 -1.33 -15.82 6.54
CA ASP A 264 -2.42 -15.98 7.49
C ASP A 264 -2.26 -17.25 8.32
N THR A 265 -1.70 -18.30 7.74
CA THR A 265 -1.40 -19.49 8.52
C THR A 265 0.05 -19.54 8.98
N ASP A 266 0.89 -18.60 8.51
CA ASP A 266 2.33 -18.65 8.78
C ASP A 266 2.89 -20.02 8.40
N THR A 267 2.70 -20.39 7.13
CA THR A 267 3.10 -21.72 6.68
C THR A 267 3.67 -21.66 5.27
N TRP A 268 4.71 -22.45 5.05
CA TRP A 268 5.33 -22.60 3.75
C TRP A 268 4.91 -23.93 3.13
N SER A 269 4.58 -23.89 1.85
CA SER A 269 4.19 -25.08 1.11
C SER A 269 4.99 -25.15 -0.19
N GLU A 270 5.30 -26.38 -0.62
CA GLU A 270 5.83 -26.59 -1.96
C GLU A 270 4.70 -26.43 -2.97
N VAL A 271 4.88 -25.52 -3.92
CA VAL A 271 3.81 -25.16 -4.83
C VAL A 271 4.06 -25.61 -6.25
N THR A 272 5.32 -25.77 -6.65
CA THR A 272 5.67 -26.24 -7.98
C THR A 272 7.16 -26.50 -7.97
N ARG A 273 7.64 -27.09 -9.05
CA ARG A 273 9.06 -27.17 -9.33
C ARG A 273 9.33 -26.40 -10.61
N MET A 274 10.44 -25.68 -10.63
CA MET A 274 10.87 -25.09 -11.89
C MET A 274 11.22 -26.21 -12.87
N THR A 275 11.15 -25.88 -14.16
CA THR A 275 11.48 -26.88 -15.18
C THR A 275 12.91 -27.39 -15.05
N SER A 276 13.80 -26.62 -14.42
CA SER A 276 15.16 -27.05 -14.16
C SER A 276 15.71 -26.21 -13.01
N GLY A 277 16.53 -26.84 -12.16
CA GLY A 277 17.13 -26.12 -11.06
C GLY A 277 18.10 -25.06 -11.54
N ARG A 278 18.18 -23.98 -10.77
CA ARG A 278 18.99 -22.82 -11.13
C ARG A 278 19.02 -21.88 -9.95
N SER A 279 20.07 -21.04 -9.90
CA SER A 279 20.22 -20.00 -8.90
C SER A 279 20.35 -18.65 -9.60
N GLY A 280 20.21 -17.58 -8.82
CA GLY A 280 20.52 -16.24 -9.33
C GLY A 280 19.55 -15.69 -10.35
N VAL A 281 18.27 -16.08 -10.27
CA VAL A 281 17.31 -15.58 -11.24
C VAL A 281 16.89 -14.16 -10.88
N GLY A 282 16.30 -13.47 -11.86
CA GLY A 282 15.52 -12.27 -11.60
C GLY A 282 14.04 -12.59 -11.74
N VAL A 283 13.22 -12.06 -10.83
CA VAL A 283 11.80 -12.40 -10.77
C VAL A 283 10.98 -11.13 -10.58
N ALA A 284 9.81 -11.08 -11.22
CA ALA A 284 8.83 -10.02 -11.02
C ALA A 284 7.46 -10.51 -11.48
N VAL A 285 6.44 -9.69 -11.25
CA VAL A 285 5.05 -10.06 -11.51
C VAL A 285 4.42 -9.08 -12.49
N THR A 286 3.74 -9.62 -13.50
CA THR A 286 2.87 -8.83 -14.38
C THR A 286 1.93 -9.72 -15.19
N GLY B 2 -14.26 11.57 -16.53
CA GLY B 2 -14.94 12.62 -15.81
C GLY B 2 -15.55 12.14 -14.49
N ARG B 3 -15.05 12.66 -13.37
CA ARG B 3 -15.48 12.21 -12.06
C ARG B 3 -16.14 13.36 -11.30
N LEU B 4 -17.10 13.00 -10.44
CA LEU B 4 -17.90 13.98 -9.72
C LEU B 4 -17.81 13.70 -8.23
N ILE B 5 -18.09 14.71 -7.43
CA ILE B 5 -18.14 14.59 -5.97
C ILE B 5 -19.59 14.35 -5.60
N TYR B 6 -19.90 13.15 -5.11
CA TYR B 6 -21.25 12.75 -4.74
C TYR B 6 -21.44 12.95 -3.25
N THR B 7 -22.55 13.56 -2.86
CA THR B 7 -22.85 13.71 -1.43
C THR B 7 -24.21 13.09 -1.18
N ALA B 8 -24.30 12.24 -0.16
CA ALA B 8 -25.52 11.49 0.13
C ALA B 8 -25.98 11.78 1.54
N GLY B 9 -27.28 11.99 1.70
CA GLY B 9 -27.88 12.12 3.01
C GLY B 9 -27.43 13.40 3.70
N GLY B 10 -27.42 13.38 5.02
CA GLY B 10 -27.08 14.54 5.82
C GLY B 10 -28.22 14.93 6.74
N TYR B 11 -28.01 16.05 7.44
CA TYR B 11 -28.96 16.51 8.45
C TYR B 11 -29.17 18.02 8.33
N PHE B 12 -30.44 18.42 8.29
CA PHE B 12 -30.87 19.80 8.51
C PHE B 12 -32.31 19.72 9.01
N ARG B 13 -32.48 19.92 10.31
CA ARG B 13 -33.72 19.75 11.06
C ARG B 13 -34.19 18.30 11.11
N GLN B 14 -34.03 17.56 10.03
CA GLN B 14 -34.26 16.12 10.03
C GLN B 14 -33.24 15.51 9.07
N SER B 15 -33.13 14.18 9.11
CA SER B 15 -32.23 13.52 8.17
C SER B 15 -32.75 13.69 6.74
N LEU B 16 -31.83 13.62 5.78
CA LEU B 16 -32.12 13.93 4.38
C LEU B 16 -31.91 12.72 3.48
N SER B 17 -32.56 12.75 2.31
CA SER B 17 -32.41 11.68 1.32
C SER B 17 -31.61 12.10 0.08
N TYR B 18 -31.07 13.32 0.06
CA TYR B 18 -30.46 13.85 -1.15
C TYR B 18 -29.30 13.00 -1.60
N LEU B 19 -29.20 12.79 -2.91
CA LEU B 19 -27.95 12.43 -3.54
C LEU B 19 -27.69 13.48 -4.62
N GLU B 20 -26.61 14.24 -4.46
CA GLU B 20 -26.26 15.29 -5.42
C GLU B 20 -24.79 15.13 -5.77
N ALA B 21 -24.44 15.46 -7.00
CA ALA B 21 -23.08 15.29 -7.50
C ALA B 21 -22.56 16.62 -8.03
N TYR B 22 -21.43 17.05 -7.49
CA TYR B 22 -20.77 18.30 -7.85
C TYR B 22 -19.70 18.07 -8.91
N ASN B 23 -19.70 18.93 -9.93
CA ASN B 23 -18.69 18.95 -10.99
C ASN B 23 -17.74 20.11 -10.74
N PRO B 24 -16.51 19.87 -10.29
CA PRO B 24 -15.62 20.99 -9.96
C PRO B 24 -15.21 21.80 -11.17
N SER B 25 -15.33 21.25 -12.37
CA SER B 25 -14.97 22.00 -13.58
C SER B 25 -16.06 22.98 -13.97
N ASP B 26 -17.29 22.49 -14.20
CA ASP B 26 -18.33 23.38 -14.68
C ASP B 26 -19.21 23.93 -13.56
N GLY B 27 -18.96 23.53 -12.31
CA GLY B 27 -19.60 24.11 -11.14
C GLY B 27 -21.00 23.62 -10.81
N THR B 28 -21.56 22.71 -11.62
CA THR B 28 -22.96 22.29 -11.41
C THR B 28 -23.11 21.30 -10.26
N TRP B 29 -24.30 21.33 -9.66
CA TRP B 29 -24.81 20.28 -8.78
C TRP B 29 -25.91 19.52 -9.52
N LEU B 30 -25.70 18.23 -9.72
CA LEU B 30 -26.68 17.34 -10.35
C LEU B 30 -27.52 16.65 -9.28
N ARG B 31 -28.84 16.71 -9.43
CA ARG B 31 -29.72 16.02 -8.50
C ARG B 31 -30.01 14.60 -9.01
N LEU B 32 -29.70 13.60 -8.19
CA LEU B 32 -29.75 12.18 -8.57
C LEU B 32 -30.76 11.45 -7.68
N ALA B 33 -30.88 10.13 -7.89
CA ALA B 33 -31.93 9.38 -7.19
C ALA B 33 -31.76 9.51 -5.67
N ASP B 34 -32.87 9.78 -4.99
CA ASP B 34 -32.91 9.86 -3.52
C ASP B 34 -32.47 8.54 -2.92
N LEU B 35 -31.80 8.61 -1.76
CA LEU B 35 -31.66 7.45 -0.89
C LEU B 35 -33.02 6.84 -0.58
N GLN B 36 -33.04 5.52 -0.41
CA GLN B 36 -34.28 4.83 -0.05
C GLN B 36 -34.83 5.34 1.28
N VAL B 37 -33.93 5.64 2.22
CA VAL B 37 -34.31 6.09 3.57
C VAL B 37 -33.49 7.33 3.89
N PRO B 38 -34.08 8.39 4.44
CA PRO B 38 -33.28 9.53 4.92
C PRO B 38 -32.27 9.09 5.98
N ARG B 39 -31.04 9.58 5.86
CA ARG B 39 -30.02 9.25 6.86
C ARG B 39 -28.98 10.35 6.98
N SER B 40 -28.60 10.62 8.21
CA SER B 40 -27.47 11.47 8.53
C SER B 40 -26.45 10.64 9.31
N GLY B 41 -25.22 11.15 9.42
CA GLY B 41 -24.23 10.44 10.19
C GLY B 41 -23.71 9.19 9.49
N LEU B 42 -23.97 9.06 8.20
CA LEU B 42 -23.52 7.95 7.39
C LEU B 42 -22.12 8.25 6.85
N ALA B 43 -21.50 7.27 6.22
CA ALA B 43 -20.28 7.48 5.46
C ALA B 43 -20.49 7.01 4.02
N GLY B 44 -19.74 7.60 3.10
CA GLY B 44 -19.73 7.15 1.72
C GLY B 44 -18.39 6.58 1.33
N CYS B 45 -18.40 5.68 0.35
CA CYS B 45 -17.15 5.18 -0.24
C CYS B 45 -17.47 4.58 -1.60
N VAL B 46 -16.44 4.29 -2.37
CA VAL B 46 -16.63 3.77 -3.72
C VAL B 46 -15.82 2.49 -3.86
N VAL B 47 -16.45 1.42 -4.34
CA VAL B 47 -15.72 0.20 -4.68
C VAL B 47 -16.20 -0.22 -6.07
N GLY B 48 -15.26 -0.46 -6.97
CA GLY B 48 -15.65 -0.93 -8.31
C GLY B 48 -16.56 0.02 -9.05
N GLY B 49 -16.36 1.33 -8.88
CA GLY B 49 -17.19 2.31 -9.54
C GLY B 49 -18.58 2.51 -8.95
N LEU B 50 -18.97 1.73 -7.94
CA LEU B 50 -20.27 1.89 -7.30
C LEU B 50 -20.12 2.68 -6.01
N LEU B 51 -21.12 3.51 -5.72
CA LEU B 51 -21.13 4.35 -4.53
C LEU B 51 -21.90 3.63 -3.43
N TYR B 52 -21.30 3.51 -2.26
CA TYR B 52 -21.94 2.87 -1.12
C TYR B 52 -22.28 3.91 -0.04
N ALA B 53 -23.47 3.80 0.53
CA ALA B 53 -23.88 4.60 1.68
C ALA B 53 -23.99 3.66 2.88
N VAL B 54 -23.26 3.97 3.96
CA VAL B 54 -23.06 3.02 5.06
C VAL B 54 -23.52 3.62 6.38
N GLY B 55 -24.42 2.90 7.08
CA GLY B 55 -24.82 3.26 8.43
C GLY B 55 -25.61 4.56 8.50
N GLY B 56 -25.44 5.28 9.60
CA GLY B 56 -26.16 6.52 9.81
C GLY B 56 -27.34 6.37 10.75
N ARG B 57 -28.26 7.32 10.62
CA ARG B 57 -29.42 7.44 11.52
C ARG B 57 -30.50 8.20 10.77
N ASN B 58 -31.74 7.78 10.97
CA ASN B 58 -32.88 8.48 10.38
C ASN B 58 -33.54 9.26 11.51
N ASN B 59 -33.24 10.56 11.57
CA ASN B 59 -33.91 11.50 12.45
C ASN B 59 -35.09 12.09 11.68
N SER B 60 -36.30 11.65 12.02
CA SER B 60 -37.52 12.07 11.34
C SER B 60 -38.49 12.66 12.33
N PRO B 61 -39.48 13.43 11.87
CA PRO B 61 -40.50 13.95 12.80
C PRO B 61 -41.33 12.87 13.48
N ASP B 62 -41.34 11.63 13.00
CA ASP B 62 -42.14 10.59 13.61
C ASP B 62 -41.33 9.57 14.39
N GLY B 63 -40.01 9.52 14.20
CA GLY B 63 -39.21 8.50 14.85
C GLY B 63 -37.74 8.74 14.59
N ASN B 64 -36.93 8.14 15.44
CA ASN B 64 -35.48 8.28 15.38
C ASN B 64 -34.88 6.88 15.48
N THR B 65 -34.19 6.43 14.43
CA THR B 65 -33.64 5.09 14.41
C THR B 65 -32.25 5.12 13.79
N ASP B 66 -31.29 4.51 14.48
CA ASP B 66 -29.97 4.29 13.87
C ASP B 66 -30.10 3.23 12.80
N SER B 67 -29.15 3.18 11.87
CA SER B 67 -29.24 2.32 10.70
C SER B 67 -28.04 1.40 10.61
N SER B 68 -28.29 0.12 10.35
CA SER B 68 -27.21 -0.82 9.98
C SER B 68 -27.09 -0.97 8.48
N ALA B 69 -27.85 -0.20 7.70
CA ALA B 69 -28.06 -0.47 6.30
C ALA B 69 -26.80 -0.19 5.49
N LEU B 70 -26.61 -0.99 4.45
CA LEU B 70 -25.66 -0.71 3.37
C LEU B 70 -26.44 -0.66 2.07
N ASP B 71 -26.28 0.43 1.33
CA ASP B 71 -26.98 0.62 0.07
C ASP B 71 -25.98 1.07 -0.99
N CYS B 72 -26.25 0.66 -2.23
CA CYS B 72 -25.31 0.77 -3.33
C CYS B 72 -25.93 1.55 -4.48
N TYR B 73 -25.24 2.60 -4.94
CA TYR B 73 -25.72 3.45 -6.03
C TYR B 73 -24.86 3.25 -7.27
N ASN B 74 -25.53 2.93 -8.41
CA ASN B 74 -24.85 2.74 -9.68
C ASN B 74 -25.03 3.98 -10.53
N PRO B 75 -23.97 4.76 -10.78
CA PRO B 75 -24.14 5.97 -11.61
C PRO B 75 -24.58 5.69 -13.04
N MET B 76 -24.30 4.50 -13.56
CA MET B 76 -24.71 4.17 -14.92
C MET B 76 -26.22 3.97 -15.03
N THR B 77 -26.87 3.57 -13.95
CA THR B 77 -28.32 3.40 -13.95
C THR B 77 -29.07 4.43 -13.15
N ASN B 78 -28.37 5.26 -12.36
CA ASN B 78 -29.03 6.18 -11.44
C ASN B 78 -30.02 5.44 -10.54
N GLN B 79 -29.63 4.27 -10.06
CA GLN B 79 -30.49 3.47 -9.19
C GLN B 79 -29.76 3.01 -7.93
N TRP B 80 -30.47 3.07 -6.80
CA TRP B 80 -30.01 2.49 -5.53
C TRP B 80 -30.48 1.03 -5.42
N SER B 81 -29.63 0.19 -4.82
CA SER B 81 -29.92 -1.19 -4.47
C SER B 81 -29.44 -1.48 -3.05
N PRO B 82 -30.27 -2.14 -2.25
CA PRO B 82 -29.84 -2.54 -0.91
C PRO B 82 -28.75 -3.60 -0.98
N CYS B 83 -27.88 -3.58 0.01
CA CYS B 83 -26.94 -4.65 0.30
C CYS B 83 -27.27 -5.28 1.64
N ALA B 84 -26.59 -6.38 1.94
CA ALA B 84 -26.72 -6.99 3.28
C ALA B 84 -26.34 -5.96 4.33
N PRO B 85 -27.08 -5.89 5.44
CA PRO B 85 -26.77 -4.90 6.49
C PRO B 85 -25.62 -5.35 7.39
N MET B 86 -25.08 -4.36 8.09
CA MET B 86 -24.07 -4.59 9.11
C MET B 86 -24.69 -5.37 10.28
N SER B 87 -23.81 -5.88 11.15
CA SER B 87 -24.30 -6.62 12.31
C SER B 87 -25.00 -5.72 13.32
N VAL B 88 -24.68 -4.43 13.33
CA VAL B 88 -25.28 -3.48 14.27
C VAL B 88 -25.50 -2.16 13.56
N PRO B 89 -26.48 -1.37 14.02
CA PRO B 89 -26.57 0.00 13.52
C PRO B 89 -25.38 0.83 14.00
N ARG B 90 -24.94 1.74 13.13
CA ARG B 90 -23.75 2.55 13.39
C ARG B 90 -24.04 3.96 12.90
N ASN B 91 -24.49 4.82 13.81
CA ASN B 91 -24.60 6.23 13.56
C ASN B 91 -23.26 6.91 13.79
N ARG B 92 -22.98 7.95 13.00
CA ARG B 92 -21.67 8.65 13.05
C ARG B 92 -20.53 7.67 12.88
N ILE B 93 -20.60 6.93 11.78
CA ILE B 93 -19.68 5.88 11.41
C ILE B 93 -18.50 6.48 10.66
N GLY B 94 -17.39 5.73 10.60
CA GLY B 94 -16.35 5.99 9.63
C GLY B 94 -16.09 4.72 8.83
N VAL B 95 -15.65 4.87 7.57
CA VAL B 95 -15.36 3.71 6.73
C VAL B 95 -14.09 3.91 5.91
N GLY B 96 -13.51 2.79 5.48
CA GLY B 96 -12.38 2.81 4.57
C GLY B 96 -12.40 1.56 3.71
N VAL B 97 -11.70 1.61 2.59
CA VAL B 97 -11.69 0.50 1.63
C VAL B 97 -10.26 -0.04 1.55
N ILE B 98 -10.13 -1.36 1.67
CA ILE B 98 -8.84 -2.02 1.48
C ILE B 98 -9.08 -3.25 0.61
N ASP B 99 -8.36 -3.33 -0.51
CA ASP B 99 -8.45 -4.52 -1.37
C ASP B 99 -9.89 -4.79 -1.78
N GLY B 100 -10.65 -3.73 -2.06
CA GLY B 100 -12.01 -3.91 -2.55
C GLY B 100 -13.01 -4.33 -1.50
N HIS B 101 -12.64 -4.27 -0.23
CA HIS B 101 -13.55 -4.54 0.88
C HIS B 101 -13.80 -3.27 1.69
N ILE B 102 -15.03 -3.14 2.22
CA ILE B 102 -15.42 -1.96 3.00
C ILE B 102 -15.31 -2.29 4.48
N TYR B 103 -14.58 -1.46 5.23
CA TYR B 103 -14.51 -1.59 6.68
C TYR B 103 -15.39 -0.52 7.30
N ALA B 104 -16.30 -0.96 8.17
CA ALA B 104 -17.15 -0.09 8.95
C ALA B 104 -16.61 -0.03 10.37
N VAL B 105 -16.41 1.18 10.87
CA VAL B 105 -15.62 1.41 12.08
C VAL B 105 -16.47 2.20 13.07
N GLY B 106 -16.65 1.66 14.29
CA GLY B 106 -17.16 2.48 15.36
C GLY B 106 -18.61 2.90 15.18
N GLY B 107 -18.91 4.13 15.63
CA GLY B 107 -20.26 4.67 15.54
C GLY B 107 -21.04 4.40 16.82
N SER B 108 -22.30 4.80 16.83
CA SER B 108 -23.16 4.55 18.00
C SER B 108 -24.44 3.84 17.59
N HIS B 109 -25.04 3.20 18.58
CA HIS B 109 -26.38 2.60 18.48
C HIS B 109 -27.05 2.94 19.81
N GLY B 110 -27.91 3.93 19.79
CA GLY B 110 -28.52 4.37 21.05
C GLY B 110 -27.45 4.89 21.99
N CYS B 111 -27.43 4.34 23.21
CA CYS B 111 -26.38 4.66 24.16
C CYS B 111 -25.13 3.81 23.99
N ILE B 112 -25.10 2.91 23.01
CA ILE B 112 -23.93 2.06 22.83
C ILE B 112 -22.94 2.77 21.91
N HIS B 113 -21.71 2.92 22.39
CA HIS B 113 -20.61 3.49 21.63
C HIS B 113 -19.71 2.34 21.19
N HIS B 114 -19.67 2.08 19.88
CA HIS B 114 -18.97 0.91 19.38
C HIS B 114 -17.46 1.09 19.36
N ASN B 115 -16.75 0.04 19.79
CA ASN B 115 -15.39 -0.20 19.33
C ASN B 115 -15.31 -1.29 18.27
N SER B 116 -16.42 -1.97 17.99
CA SER B 116 -16.42 -3.02 16.99
C SER B 116 -16.17 -2.48 15.58
N VAL B 117 -15.67 -3.38 14.73
CA VAL B 117 -15.33 -3.12 13.33
C VAL B 117 -15.76 -4.33 12.51
N GLU B 118 -16.28 -4.11 11.30
CA GLU B 118 -16.64 -5.25 10.47
C GLU B 118 -16.31 -4.95 9.01
N ARG B 119 -16.16 -6.00 8.24
CA ARG B 119 -15.66 -5.89 6.87
C ARG B 119 -16.66 -6.48 5.89
N TYR B 120 -16.94 -5.73 4.81
CA TYR B 120 -17.94 -6.13 3.82
C TYR B 120 -17.24 -6.57 2.55
N GLU B 121 -17.66 -7.71 2.01
CA GLU B 121 -17.09 -8.23 0.77
C GLU B 121 -18.13 -8.13 -0.34
N PRO B 122 -17.97 -7.22 -1.30
CA PRO B 122 -19.05 -7.01 -2.27
C PRO B 122 -19.34 -8.23 -3.13
N GLU B 123 -18.34 -9.05 -3.43
CA GLU B 123 -18.54 -10.20 -4.31
C GLU B 123 -19.39 -11.29 -3.68
N ARG B 124 -19.46 -11.34 -2.35
CA ARG B 124 -20.29 -12.29 -1.64
C ARG B 124 -21.47 -11.65 -0.93
N ASP B 125 -21.56 -10.32 -0.92
CA ASP B 125 -22.60 -9.58 -0.19
C ASP B 125 -22.73 -10.10 1.25
N GLU B 126 -21.61 -10.07 1.96
CA GLU B 126 -21.55 -10.53 3.35
C GLU B 126 -20.70 -9.59 4.18
N TRP B 127 -21.10 -9.43 5.44
CA TRP B 127 -20.31 -8.76 6.47
C TRP B 127 -19.73 -9.79 7.42
N HIS B 128 -18.53 -9.49 7.94
CA HIS B 128 -17.90 -10.29 8.97
C HIS B 128 -17.22 -9.38 9.97
N LEU B 129 -17.40 -9.66 11.26
CA LEU B 129 -16.70 -8.88 12.28
C LEU B 129 -15.20 -9.16 12.23
N VAL B 130 -14.42 -8.11 12.49
CA VAL B 130 -12.99 -8.27 12.65
C VAL B 130 -12.64 -7.79 14.05
N ALA B 131 -11.35 -7.69 14.36
CA ALA B 131 -10.93 -7.32 15.70
C ALA B 131 -11.43 -5.90 16.06
N PRO B 132 -11.95 -5.71 17.26
CA PRO B 132 -12.44 -4.39 17.66
C PRO B 132 -11.29 -3.43 17.94
N MET B 133 -11.60 -2.15 17.82
CA MET B 133 -10.62 -1.11 18.11
C MET B 133 -10.22 -1.16 19.59
N LEU B 134 -9.13 -0.46 19.91
CA LEU B 134 -8.73 -0.31 21.30
C LEU B 134 -9.62 0.66 22.03
N THR B 135 -10.37 1.49 21.29
CA THR B 135 -11.15 2.59 21.82
C THR B 135 -12.55 2.56 21.22
N ARG B 136 -13.56 2.86 22.05
CA ARG B 136 -14.88 3.15 21.51
C ARG B 136 -14.87 4.53 20.85
N ARG B 137 -15.28 4.61 19.59
CA ARG B 137 -15.15 5.86 18.83
C ARG B 137 -16.43 6.12 18.05
N ILE B 138 -17.18 7.14 18.47
CA ILE B 138 -18.31 7.70 17.74
C ILE B 138 -17.80 8.92 16.99
N GLY B 139 -18.28 9.14 15.78
CA GLY B 139 -17.82 10.31 15.05
C GLY B 139 -16.36 10.15 14.70
N VAL B 140 -15.98 8.94 14.40
CA VAL B 140 -14.59 8.60 14.12
C VAL B 140 -14.28 8.92 12.66
N GLY B 141 -13.08 9.42 12.40
CA GLY B 141 -12.59 9.60 11.03
C GLY B 141 -11.70 8.43 10.62
N VAL B 142 -11.80 8.01 9.36
CA VAL B 142 -11.14 6.79 8.90
C VAL B 142 -10.42 7.08 7.59
N ALA B 143 -9.20 6.55 7.46
CA ALA B 143 -8.49 6.65 6.20
C ALA B 143 -7.61 5.44 6.03
N VAL B 144 -7.26 5.14 4.79
CA VAL B 144 -6.46 3.98 4.46
C VAL B 144 -5.17 4.45 3.82
N LEU B 145 -4.05 4.02 4.38
CA LEU B 145 -2.74 4.43 3.88
C LEU B 145 -1.88 3.19 3.82
N ASN B 146 -1.33 2.92 2.63
CA ASN B 146 -0.51 1.73 2.39
C ASN B 146 -1.22 0.46 2.84
N ARG B 147 -2.53 0.40 2.57
CA ARG B 147 -3.35 -0.77 2.87
C ARG B 147 -3.42 -1.06 4.37
N LEU B 148 -3.18 -0.03 5.17
CA LEU B 148 -3.49 -0.08 6.60
C LEU B 148 -4.66 0.86 6.87
N LEU B 149 -5.48 0.48 7.85
CA LEU B 149 -6.70 1.23 8.16
C LEU B 149 -6.46 2.02 9.43
N TYR B 150 -6.68 3.34 9.36
CA TYR B 150 -6.48 4.23 10.51
C TYR B 150 -7.82 4.79 10.99
N ALA B 151 -8.02 4.75 12.31
CA ALA B 151 -9.19 5.31 12.96
C ALA B 151 -8.73 6.49 13.81
N VAL B 152 -9.32 7.67 13.60
CA VAL B 152 -8.74 8.92 14.07
C VAL B 152 -9.79 9.68 14.88
N GLY B 153 -9.47 9.98 16.14
CA GLY B 153 -10.35 10.85 16.92
C GLY B 153 -11.67 10.18 17.28
N GLY B 154 -12.68 11.01 17.50
CA GLY B 154 -13.99 10.54 17.85
C GLY B 154 -14.38 10.88 19.28
N PHE B 155 -15.33 10.10 19.80
CA PHE B 155 -15.98 10.38 21.08
C PHE B 155 -16.34 9.04 21.71
N ASP B 156 -15.83 8.76 22.93
CA ASP B 156 -16.02 7.45 23.50
C ASP B 156 -17.25 7.39 24.39
N GLY B 157 -18.05 8.45 24.37
CA GLY B 157 -19.20 8.58 25.24
C GLY B 157 -18.97 9.47 26.44
N THR B 158 -17.71 9.69 26.80
CA THR B 158 -17.38 10.52 27.96
C THR B 158 -16.35 11.55 27.54
N ASN B 159 -15.33 11.08 26.82
CA ASN B 159 -14.21 11.90 26.39
C ASN B 159 -14.18 11.98 24.87
N ARG B 160 -13.96 13.17 24.35
CA ARG B 160 -13.53 13.27 22.97
C ARG B 160 -12.03 13.02 22.85
N LEU B 161 -11.62 12.59 21.66
CA LEU B 161 -10.36 11.87 21.49
C LEU B 161 -9.46 12.61 20.53
N ASN B 162 -8.17 12.68 20.87
CA ASN B 162 -7.15 13.00 19.89
C ASN B 162 -6.35 11.77 19.49
N SER B 163 -6.56 10.65 20.16
CA SER B 163 -5.88 9.41 19.85
C SER B 163 -6.23 8.91 18.45
N ALA B 164 -5.28 8.17 17.85
CA ALA B 164 -5.50 7.45 16.61
C ALA B 164 -4.93 6.04 16.74
N GLU B 165 -5.52 5.09 16.02
CA GLU B 165 -5.01 3.72 16.01
C GLU B 165 -5.05 3.15 14.60
N CYS B 166 -4.27 2.09 14.40
CA CYS B 166 -3.98 1.56 13.08
C CYS B 166 -4.26 0.06 13.06
N TYR B 167 -5.03 -0.37 12.08
CA TYR B 167 -5.44 -1.76 11.95
C TYR B 167 -4.63 -2.43 10.85
N TYR B 168 -4.02 -3.58 11.18
CA TYR B 168 -3.24 -4.39 10.26
C TYR B 168 -4.10 -5.56 9.80
N PRO B 169 -4.63 -5.56 8.57
CA PRO B 169 -5.62 -6.58 8.21
C PRO B 169 -5.12 -8.01 8.30
N GLU B 170 -3.85 -8.26 8.02
CA GLU B 170 -3.41 -9.65 8.00
C GLU B 170 -3.01 -10.13 9.40
N ARG B 171 -2.61 -9.22 10.29
CA ARG B 171 -2.49 -9.57 11.69
C ARG B 171 -3.82 -9.52 12.43
N ASN B 172 -4.82 -8.84 11.87
CA ASN B 172 -6.12 -8.62 12.53
C ASN B 172 -5.93 -8.07 13.94
N GLU B 173 -5.26 -6.93 14.00
CA GLU B 173 -5.06 -6.31 15.30
C GLU B 173 -4.85 -4.82 15.12
N TRP B 174 -5.20 -4.10 16.18
CA TRP B 174 -5.11 -2.66 16.23
C TRP B 174 -3.89 -2.28 17.04
N ARG B 175 -3.29 -1.16 16.69
CA ARG B 175 -2.12 -0.64 17.38
C ARG B 175 -2.24 0.86 17.44
N MET B 176 -2.12 1.41 18.65
CA MET B 176 -2.11 2.85 18.84
C MET B 176 -0.98 3.50 18.04
N ILE B 177 -1.21 4.74 17.59
CA ILE B 177 -0.16 5.53 16.96
C ILE B 177 -0.08 6.85 17.71
N THR B 178 0.74 7.76 17.19
CA THR B 178 0.85 9.11 17.76
C THR B 178 -0.48 9.84 17.68
N ALA B 179 -0.90 10.42 18.80
CA ALA B 179 -2.15 11.17 18.84
C ALA B 179 -2.01 12.49 18.07
N MET B 180 -3.13 12.97 17.58
CA MET B 180 -3.19 14.28 16.95
C MET B 180 -2.85 15.37 17.96
N ASN B 181 -2.47 16.53 17.44
CA ASN B 181 -2.30 17.68 18.30
C ASN B 181 -3.62 18.10 18.95
N THR B 182 -4.73 17.92 18.25
CA THR B 182 -6.02 18.45 18.68
C THR B 182 -7.04 17.34 18.87
N ILE B 183 -7.80 17.45 19.95
CA ILE B 183 -8.94 16.56 20.14
C ILE B 183 -10.01 16.90 19.11
N ARG B 184 -10.55 15.89 18.44
CA ARG B 184 -11.54 16.10 17.39
C ARG B 184 -12.53 14.94 17.38
N SER B 185 -13.81 15.24 17.53
CA SER B 185 -14.86 14.30 17.12
CA SER B 185 -14.91 14.34 17.17
C SER B 185 -15.60 14.90 15.94
N GLY B 186 -16.06 14.03 15.05
CA GLY B 186 -16.75 14.53 13.87
C GLY B 186 -15.86 15.32 12.93
N ALA B 187 -14.58 14.98 12.86
CA ALA B 187 -13.65 15.56 11.89
C ALA B 187 -13.82 14.90 10.52
N GLY B 188 -13.30 15.57 9.50
CA GLY B 188 -13.14 14.95 8.20
C GLY B 188 -11.73 14.41 8.10
N VAL B 189 -11.61 13.13 7.77
CA VAL B 189 -10.31 12.48 7.70
C VAL B 189 -10.22 11.79 6.35
N CYS B 190 -9.08 11.94 5.69
CA CYS B 190 -8.87 11.35 4.38
C CYS B 190 -7.38 11.23 4.11
N VAL B 191 -7.04 10.61 2.98
CA VAL B 191 -5.66 10.47 2.54
C VAL B 191 -5.45 11.31 1.29
N LEU B 192 -4.33 12.04 1.26
CA LEU B 192 -3.92 12.83 0.08
C LEU B 192 -2.40 12.76 -0.01
N HIS B 193 -1.88 12.26 -1.13
CA HIS B 193 -0.43 12.22 -1.36
C HIS B 193 0.30 11.53 -0.21
N ASN B 194 -0.21 10.36 0.20
CA ASN B 194 0.46 9.50 1.17
C ASN B 194 0.59 10.14 2.55
N CYS B 195 -0.31 11.05 2.90
CA CYS B 195 -0.47 11.53 4.27
C CYS B 195 -1.94 11.44 4.65
N ILE B 196 -2.20 11.28 5.95
CA ILE B 196 -3.57 11.33 6.47
C ILE B 196 -3.86 12.76 6.91
N TYR B 197 -4.99 13.31 6.46
CA TYR B 197 -5.39 14.64 6.89
C TYR B 197 -6.59 14.52 7.82
N ALA B 198 -6.60 15.35 8.86
CA ALA B 198 -7.71 15.46 9.78
C ALA B 198 -8.09 16.92 9.86
N ALA B 199 -9.32 17.23 9.44
CA ALA B 199 -9.77 18.61 9.27
C ALA B 199 -11.00 18.85 10.13
N GLY B 200 -11.00 19.94 10.88
CA GLY B 200 -12.22 20.34 11.55
C GLY B 200 -12.60 19.41 12.69
N GLY B 201 -13.90 19.35 12.98
CA GLY B 201 -14.36 18.56 14.10
C GLY B 201 -14.80 19.40 15.29
N TYR B 202 -14.99 18.72 16.42
CA TYR B 202 -15.45 19.35 17.65
C TYR B 202 -14.65 18.78 18.82
N ASP B 203 -14.18 19.66 19.72
CA ASP B 203 -13.32 19.21 20.82
C ASP B 203 -14.04 19.17 22.16
N GLY B 204 -15.36 19.38 22.18
CA GLY B 204 -16.08 19.49 23.42
C GLY B 204 -16.27 20.90 23.89
N GLN B 205 -15.61 21.88 23.28
CA GLN B 205 -15.83 23.28 23.57
C GLN B 205 -16.10 24.10 22.32
N ASP B 206 -15.29 23.93 21.29
CA ASP B 206 -15.42 24.69 20.05
C ASP B 206 -15.52 23.75 18.86
N GLN B 207 -16.18 24.23 17.80
CA GLN B 207 -15.97 23.63 16.50
C GLN B 207 -14.67 24.17 15.94
N LEU B 208 -14.03 23.39 15.08
CA LEU B 208 -12.61 23.60 14.74
C LEU B 208 -12.44 23.92 13.27
N ASN B 209 -11.50 24.81 12.96
CA ASN B 209 -11.07 25.01 11.57
C ASN B 209 -9.66 24.49 11.32
N SER B 210 -8.97 24.03 12.36
CA SER B 210 -7.62 23.57 12.15
C SER B 210 -7.59 22.26 11.40
N VAL B 211 -6.45 22.00 10.75
CA VAL B 211 -6.21 20.86 9.89
C VAL B 211 -4.81 20.36 10.16
N GLU B 212 -4.65 19.07 10.40
CA GLU B 212 -3.32 18.52 10.59
C GLU B 212 -3.16 17.25 9.77
N ARG B 213 -1.90 16.90 9.51
CA ARG B 213 -1.66 15.78 8.64
C ARG B 213 -0.56 14.91 9.23
N TYR B 214 -0.72 13.62 8.99
CA TYR B 214 0.11 12.59 9.58
C TYR B 214 1.09 12.05 8.55
N ASP B 215 2.38 12.11 8.89
CA ASP B 215 3.42 11.48 8.10
C ASP B 215 3.82 10.20 8.84
N VAL B 216 3.70 9.06 8.16
CA VAL B 216 3.92 7.78 8.83
C VAL B 216 5.40 7.60 9.15
N ALA B 217 6.28 7.96 8.22
CA ALA B 217 7.71 7.77 8.43
C ALA B 217 8.18 8.44 9.72
N THR B 218 7.75 9.68 9.95
CA THR B 218 8.13 10.39 11.16
C THR B 218 7.11 10.23 12.29
N ALA B 219 6.05 9.46 12.06
CA ALA B 219 4.97 9.28 13.04
C ALA B 219 4.64 10.57 13.77
N THR B 220 4.39 11.63 12.98
CA THR B 220 4.21 12.97 13.51
C THR B 220 3.01 13.62 12.85
N TRP B 221 2.23 14.34 13.66
CA TRP B 221 1.16 15.17 13.14
C TRP B 221 1.67 16.60 13.04
N THR B 222 1.48 17.21 11.88
CA THR B 222 1.84 18.60 11.65
C THR B 222 0.61 19.40 11.21
N PHE B 223 0.43 20.58 11.80
CA PHE B 223 -0.63 21.47 11.33
C PHE B 223 -0.31 21.99 9.93
N VAL B 224 -1.36 22.09 9.10
CA VAL B 224 -1.25 22.80 7.84
C VAL B 224 -2.17 23.99 7.92
N ALA B 225 -2.50 24.60 6.78
CA ALA B 225 -3.38 25.76 6.82
C ALA B 225 -4.75 25.36 7.33
N PRO B 226 -5.39 26.20 8.15
CA PRO B 226 -6.74 25.90 8.63
C PRO B 226 -7.78 26.29 7.60
N MET B 227 -8.95 25.64 7.71
CA MET B 227 -10.07 25.96 6.84
C MET B 227 -10.57 27.37 7.12
N LYS B 228 -11.33 27.89 6.17
CA LYS B 228 -11.94 29.20 6.39
C LYS B 228 -13.05 29.13 7.43
N HIS B 229 -13.84 28.05 7.43
CA HIS B 229 -14.97 27.95 8.34
C HIS B 229 -14.78 26.80 9.32
N ARG B 230 -14.93 27.09 10.62
CA ARG B 230 -14.97 26.03 11.62
C ARG B 230 -16.18 25.15 11.34
N ARG B 231 -16.01 23.83 11.53
CA ARG B 231 -17.09 22.91 11.18
C ARG B 231 -16.87 21.54 11.80
N SER B 232 -17.93 21.00 12.41
CA SER B 232 -17.98 19.61 12.88
C SER B 232 -18.98 18.83 12.03
N ALA B 233 -18.77 17.51 11.92
CA ALA B 233 -19.64 16.64 11.11
C ALA B 233 -19.64 17.10 9.64
N LEU B 234 -18.45 17.43 9.15
CA LEU B 234 -18.29 17.76 7.75
C LEU B 234 -18.12 16.48 6.95
N GLY B 235 -18.31 16.59 5.64
CA GLY B 235 -17.96 15.52 4.73
C GLY B 235 -16.66 15.91 4.04
N ILE B 236 -15.84 14.91 3.72
CA ILE B 236 -14.54 15.15 3.13
C ILE B 236 -14.28 14.12 2.05
N THR B 237 -13.54 14.51 1.03
CA THR B 237 -13.12 13.56 0.01
C THR B 237 -11.96 14.18 -0.76
N VAL B 238 -11.36 13.39 -1.63
CA VAL B 238 -10.26 13.85 -2.45
C VAL B 238 -10.67 13.74 -3.90
N HIS B 239 -10.45 14.81 -4.66
CA HIS B 239 -10.76 14.85 -6.08
C HIS B 239 -9.59 15.50 -6.81
N GLN B 240 -8.97 14.75 -7.73
CA GLN B 240 -7.86 15.24 -8.56
C GLN B 240 -6.81 15.99 -7.73
N GLY B 241 -6.30 15.31 -6.70
CA GLY B 241 -5.19 15.87 -5.96
C GLY B 241 -5.51 16.98 -4.97
N ARG B 242 -6.79 17.25 -4.69
CA ARG B 242 -7.18 18.27 -3.74
C ARG B 242 -8.27 17.76 -2.81
N ILE B 243 -8.30 18.28 -1.59
CA ILE B 243 -9.29 17.91 -0.58
C ILE B 243 -10.50 18.82 -0.71
N TYR B 244 -11.69 18.24 -0.68
CA TYR B 244 -12.92 19.02 -0.60
C TYR B 244 -13.61 18.71 0.72
N VAL B 245 -14.09 19.75 1.41
CA VAL B 245 -14.86 19.58 2.63
C VAL B 245 -16.24 20.19 2.42
N LEU B 246 -17.27 19.48 2.85
CA LEU B 246 -18.65 19.83 2.50
C LEU B 246 -19.50 19.98 3.75
N GLY B 247 -20.12 21.14 3.89
CA GLY B 247 -21.06 21.46 4.95
C GLY B 247 -20.48 21.25 6.33
N GLY B 248 -21.34 20.82 7.23
CA GLY B 248 -21.00 20.70 8.63
C GLY B 248 -21.81 21.68 9.46
N TYR B 249 -21.41 21.76 10.74
CA TYR B 249 -22.12 22.57 11.72
C TYR B 249 -21.09 23.39 12.47
N ASP B 250 -21.32 24.70 12.57
CA ASP B 250 -20.33 25.57 13.21
C ASP B 250 -20.77 26.06 14.59
N GLY B 251 -21.71 25.38 15.23
CA GLY B 251 -22.26 25.81 16.50
C GLY B 251 -23.49 26.68 16.38
N HIS B 252 -23.77 27.20 15.20
CA HIS B 252 -24.91 28.08 14.99
C HIS B 252 -25.71 27.73 13.75
N THR B 253 -25.04 27.35 12.66
CA THR B 253 -25.75 27.10 11.41
C THR B 253 -25.23 25.82 10.77
N PHE B 254 -26.07 25.23 9.94
CA PHE B 254 -25.66 24.07 9.15
C PHE B 254 -25.14 24.60 7.83
N LEU B 255 -23.84 24.39 7.58
CA LEU B 255 -23.14 25.08 6.49
C LEU B 255 -23.48 24.51 5.13
N ASP B 256 -23.55 25.38 4.11
CA ASP B 256 -23.55 24.90 2.74
C ASP B 256 -22.22 25.15 2.05
N SER B 257 -21.26 25.75 2.75
CA SER B 257 -19.94 26.02 2.20
C SER B 257 -19.20 24.75 1.83
N VAL B 258 -18.56 24.76 0.66
CA VAL B 258 -17.60 23.74 0.25
C VAL B 258 -16.25 24.41 0.09
N GLU B 259 -15.24 23.93 0.81
CA GLU B 259 -13.89 24.44 0.72
C GLU B 259 -12.98 23.40 0.08
N CYS B 260 -11.92 23.88 -0.57
CA CYS B 260 -11.01 23.04 -1.33
C CYS B 260 -9.58 23.34 -0.89
N TYR B 261 -8.81 22.30 -0.59
CA TYR B 261 -7.43 22.45 -0.14
C TYR B 261 -6.47 22.14 -1.28
N ASP B 262 -5.62 23.11 -1.62
CA ASP B 262 -4.55 22.91 -2.58
C ASP B 262 -3.26 22.59 -1.84
N PRO B 263 -2.79 21.34 -1.86
CA PRO B 263 -1.60 21.00 -1.07
C PRO B 263 -0.31 21.66 -1.58
N ASP B 264 -0.26 21.95 -2.89
CA ASP B 264 0.93 22.58 -3.45
C ASP B 264 1.13 23.97 -2.88
N THR B 265 0.04 24.71 -2.67
CA THR B 265 0.12 26.05 -2.12
C THR B 265 -0.23 26.11 -0.64
N ASP B 266 -0.64 24.99 -0.04
CA ASP B 266 -1.11 24.97 1.34
C ASP B 266 -2.14 26.09 1.57
N THR B 267 -3.17 26.08 0.75
CA THR B 267 -4.22 27.10 0.82
C THR B 267 -5.60 26.48 0.69
N TRP B 268 -6.57 27.03 1.43
CA TRP B 268 -7.98 26.68 1.31
C TRP B 268 -8.73 27.79 0.59
N SER B 269 -9.65 27.41 -0.28
CA SER B 269 -10.56 28.39 -0.88
C SER B 269 -11.98 27.81 -0.96
N GLU B 270 -12.97 28.70 -0.86
CA GLU B 270 -14.36 28.31 -1.08
C GLU B 270 -14.64 28.19 -2.56
N VAL B 271 -15.12 27.03 -3.01
CA VAL B 271 -15.33 26.81 -4.44
C VAL B 271 -16.80 26.78 -4.83
N THR B 272 -17.71 26.40 -3.94
CA THR B 272 -19.13 26.33 -4.28
C THR B 272 -19.92 26.36 -2.99
N ARG B 273 -21.25 26.41 -3.12
CA ARG B 273 -22.17 26.14 -2.03
C ARG B 273 -23.07 24.99 -2.44
N MET B 274 -23.34 24.09 -1.50
CA MET B 274 -24.38 23.08 -1.71
C MET B 274 -25.72 23.77 -1.89
N THR B 275 -26.67 23.04 -2.49
CA THR B 275 -28.00 23.59 -2.70
C THR B 275 -28.73 23.90 -1.40
N SER B 276 -28.33 23.28 -0.29
CA SER B 276 -28.88 23.61 1.02
C SER B 276 -27.89 23.12 2.08
N GLY B 277 -27.81 23.87 3.18
CA GLY B 277 -26.88 23.50 4.24
C GLY B 277 -27.27 22.22 4.96
N ARG B 278 -26.25 21.51 5.43
CA ARG B 278 -26.46 20.19 6.03
C ARG B 278 -25.16 19.76 6.70
N SER B 279 -25.30 18.89 7.71
CA SER B 279 -24.15 18.23 8.32
C SER B 279 -24.29 16.73 8.18
N GLY B 280 -23.21 16.02 8.55
CA GLY B 280 -23.25 14.58 8.63
C GLY B 280 -23.53 13.86 7.32
N VAL B 281 -22.98 14.35 6.20
CA VAL B 281 -23.18 13.69 4.90
C VAL B 281 -22.18 12.56 4.73
N GLY B 282 -22.46 11.67 3.79
CA GLY B 282 -21.46 10.76 3.24
C GLY B 282 -21.04 11.29 1.88
N VAL B 283 -19.74 11.23 1.58
CA VAL B 283 -19.24 11.79 0.33
C VAL B 283 -18.17 10.89 -0.25
N ALA B 284 -18.20 10.75 -1.58
CA ALA B 284 -17.17 9.98 -2.28
C ALA B 284 -17.16 10.45 -3.73
N VAL B 285 -16.17 9.97 -4.48
CA VAL B 285 -15.93 10.41 -5.85
C VAL B 285 -16.01 9.20 -6.76
N THR B 286 -16.77 9.31 -7.85
CA THR B 286 -16.74 8.28 -8.87
C THR B 286 -17.14 8.91 -10.21
N MET B 287 -17.22 8.07 -11.24
CA MET B 287 -17.49 8.58 -12.59
C MET B 287 -18.89 9.16 -12.69
N GLU B 288 -19.03 10.18 -13.54
CA GLU B 288 -20.30 10.88 -13.63
C GLU B 288 -21.37 9.99 -14.24
N PRO B 289 -22.64 10.21 -13.89
CA PRO B 289 -23.70 9.35 -14.45
C PRO B 289 -23.79 9.48 -15.96
N SER B 290 -24.31 8.42 -16.58
CA SER B 290 -24.38 8.29 -18.03
C SER B 290 -25.82 8.35 -18.50
N ARG B 291 -25.98 8.46 -19.82
CA ARG B 291 -27.21 8.08 -20.51
C ARG B 291 -27.03 8.17 -22.04
C ACE C 1 34.64 -22.84 -7.65
O ACE C 1 34.76 -21.72 -8.10
CH3 ACE C 1 35.85 -23.72 -7.81
N LEU C 2 33.69 -23.35 -6.89
CA LEU C 2 32.39 -22.72 -6.65
C LEU C 2 32.23 -21.61 -5.64
N ASP C 3 31.48 -20.60 -6.04
CA ASP C 3 30.94 -19.60 -5.12
C ASP C 3 30.00 -20.29 -4.13
N GLU C 4 30.30 -20.18 -2.82
CA GLU C 4 29.55 -20.95 -1.82
C GLU C 4 28.10 -20.49 -1.72
N GLU C 5 27.81 -19.28 -2.20
CA GLU C 5 26.51 -18.67 -2.07
C GLU C 5 25.62 -18.90 -3.28
N THR C 6 26.18 -18.76 -4.50
CA THR C 6 25.40 -18.85 -5.74
C THR C 6 25.62 -20.16 -6.48
N GLY C 7 26.63 -20.93 -6.13
CA GLY C 7 26.98 -22.13 -6.87
C GLY C 7 27.78 -21.91 -8.13
N GLU C 8 27.93 -20.67 -8.59
CA GLU C 8 28.60 -20.42 -9.88
C GLU C 8 30.08 -20.78 -9.81
N PHE C 9 30.59 -21.32 -10.91
CA PHE C 9 32.04 -21.46 -11.05
C PHE C 9 32.70 -20.10 -10.95
N ALA C 10 33.74 -20.00 -10.12
CA ALA C 10 34.30 -18.68 -9.81
C ALA C 10 35.26 -18.20 -10.90
N NH2 C 11 35.18 -16.77 -10.85
#